data_6MZP
#
_entry.id   6MZP
#
_cell.length_a   63.520
_cell.length_b   107.270
_cell.length_c   113.240
_cell.angle_alpha   90.00
_cell.angle_beta   90.00
_cell.angle_gamma   90.00
#
_symmetry.space_group_name_H-M   'P 21 21 21'
#
loop_
_entity.id
_entity.type
_entity.pdbx_description
1 polymer 'Transforming growth factor beta receptor III'
2 water water
#
_entity_poly.entity_id   1
_entity_poly.type   'polypeptide(L)'
_entity_poly.pdbx_seq_one_letter_code
;GSPCELLPVGVGHPVQAMLKSFTALSGCASRGTTSHPQEVHIINLRKGSAQGAREKTAEVALHLRPIQSLHVHQKPLVFI
LNSPQPILWKVRTEKLAPGVKRIFHVVEGSEVHFEVGNFSKSCEVKVETLPHGNEHLLNWAHHRYTAVTSFSELRMAHDI
YIKVGEDPVFSETCKIDNKFLSLNYLASYIEPQPSTGCVLSGPDHEQEVHIIELQAPNSSSAFQVDVIVDLRPLDGDIPL
HRDVVLLLKCEKSVNWVIKAHKVMGKLEIMTSDTVSLSEDTERLMQVSKTVKQKLPAGSQALIQWAEENGFNPVTSYTNT
PVANHFNLRLREHHHHHH
;
_entity_poly.pdbx_strand_id   A,B
#
# COMPACT_ATOMS: atom_id res chain seq x y z
N PRO A 3 38.80 -6.92 -17.44
CA PRO A 3 38.33 -8.12 -18.15
C PRO A 3 36.81 -8.09 -18.37
N CYS A 4 36.25 -6.86 -18.56
CA CYS A 4 34.83 -6.65 -18.85
C CYS A 4 34.66 -6.25 -20.31
N GLU A 5 34.23 -7.21 -21.15
CA GLU A 5 33.93 -6.92 -22.54
C GLU A 5 32.43 -6.62 -22.57
N LEU A 6 32.11 -5.32 -22.63
CA LEU A 6 30.73 -4.83 -22.62
C LEU A 6 30.00 -5.25 -23.89
N LEU A 7 28.84 -5.85 -23.73
CA LEU A 7 28.04 -6.32 -24.86
C LEU A 7 26.58 -6.18 -24.56
N PRO A 8 25.69 -6.06 -25.59
CA PRO A 8 24.24 -6.19 -25.34
C PRO A 8 24.00 -7.49 -24.60
N VAL A 9 23.32 -7.44 -23.44
CA VAL A 9 23.16 -8.63 -22.60
C VAL A 9 22.07 -9.60 -23.12
N GLY A 10 22.25 -10.88 -22.82
CA GLY A 10 21.29 -11.93 -23.14
C GLY A 10 20.36 -12.24 -21.97
N VAL A 11 19.51 -13.26 -22.15
CA VAL A 11 18.49 -13.72 -21.17
C VAL A 11 19.16 -14.32 -19.91
N GLY A 12 20.40 -14.77 -20.04
CA GLY A 12 21.12 -15.34 -18.93
C GLY A 12 21.81 -14.33 -18.04
N HIS A 13 21.90 -13.06 -18.46
CA HIS A 13 22.54 -12.00 -17.65
C HIS A 13 21.80 -11.91 -16.31
N PRO A 14 22.50 -11.82 -15.16
CA PRO A 14 21.79 -11.85 -13.87
C PRO A 14 20.82 -10.70 -13.61
N VAL A 15 21.03 -9.55 -14.25
CA VAL A 15 20.19 -8.38 -14.11
C VAL A 15 19.34 -8.20 -15.40
N GLN A 16 18.01 -8.22 -15.25
CA GLN A 16 17.04 -8.07 -16.35
C GLN A 16 16.17 -6.84 -16.05
N ALA A 17 16.30 -5.82 -16.90
CA ALA A 17 15.64 -4.53 -16.81
C ALA A 17 14.25 -4.57 -17.43
N MET A 18 13.33 -3.79 -16.84
CA MET A 18 11.94 -3.71 -17.26
C MET A 18 11.40 -2.32 -17.06
N LEU A 19 10.37 -1.95 -17.80
CA LEU A 19 9.78 -0.65 -17.64
C LEU A 19 8.29 -0.83 -17.38
N LYS A 20 7.88 -0.47 -16.17
CA LYS A 20 6.48 -0.53 -15.75
C LYS A 20 5.83 0.84 -16.00
N SER A 21 4.61 0.86 -16.55
CA SER A 21 3.89 2.10 -16.80
C SER A 21 2.37 1.92 -16.68
N PHE A 22 1.67 3.02 -16.32
CA PHE A 22 0.21 3.09 -16.25
C PHE A 22 -0.23 3.64 -17.60
N THR A 23 -1.22 3.01 -18.23
CA THR A 23 -1.58 3.30 -19.62
C THR A 23 -2.69 4.37 -19.83
N ALA A 24 -3.19 5.03 -18.74
CA ALA A 24 -4.23 6.06 -18.85
C ALA A 24 -3.86 7.19 -19.82
N LEU A 25 -4.80 7.57 -20.69
CA LEU A 25 -4.64 8.69 -21.61
C LEU A 25 -5.56 9.86 -21.22
N SER A 26 -6.78 9.51 -20.83
CA SER A 26 -7.85 10.42 -20.43
C SER A 26 -9.01 9.62 -19.82
N GLY A 27 -9.92 10.33 -19.18
CA GLY A 27 -11.09 9.70 -18.62
C GLY A 27 -11.89 10.65 -17.78
N CYS A 28 -12.87 10.07 -17.09
CA CYS A 28 -13.78 10.73 -16.16
C CYS A 28 -14.47 9.66 -15.39
N ALA A 29 -15.09 10.07 -14.30
CA ALA A 29 -15.95 9.28 -13.45
C ALA A 29 -17.11 10.18 -12.96
N SER A 30 -18.21 9.55 -12.57
CA SER A 30 -19.43 10.29 -12.23
C SER A 30 -20.30 9.50 -11.27
N ARG A 31 -21.05 10.24 -10.45
CA ARG A 31 -22.01 9.64 -9.52
C ARG A 31 -23.44 9.81 -10.11
N GLY A 32 -23.53 10.40 -11.31
CA GLY A 32 -24.76 10.70 -12.04
C GLY A 32 -25.65 9.52 -12.40
N THR A 33 -25.13 8.28 -12.29
CA THR A 33 -25.89 7.05 -12.57
C THR A 33 -26.63 6.58 -11.30
N THR A 34 -26.41 7.23 -10.13
CA THR A 34 -27.04 6.90 -8.85
C THR A 34 -28.57 6.82 -9.00
N SER A 35 -29.17 7.87 -9.64
CA SER A 35 -30.62 7.97 -9.85
C SER A 35 -31.07 7.22 -11.14
N HIS A 36 -30.19 6.39 -11.73
CA HIS A 36 -30.48 5.59 -12.93
C HIS A 36 -30.35 4.08 -12.62
N PRO A 37 -31.11 3.19 -13.31
CA PRO A 37 -31.14 1.77 -12.93
C PRO A 37 -29.84 0.99 -13.13
N GLN A 38 -28.83 1.54 -13.85
CA GLN A 38 -27.59 0.79 -14.04
C GLN A 38 -26.33 1.69 -14.09
N GLU A 39 -25.15 1.08 -13.82
CA GLU A 39 -23.82 1.68 -13.94
C GLU A 39 -23.30 1.41 -15.31
N VAL A 40 -22.68 2.41 -15.97
CA VAL A 40 -22.12 2.27 -17.31
C VAL A 40 -20.61 2.55 -17.23
N HIS A 41 -19.76 1.61 -17.65
CA HIS A 41 -18.31 1.80 -17.58
C HIS A 41 -17.74 1.66 -18.97
N ILE A 42 -17.05 2.69 -19.45
CA ILE A 42 -16.53 2.66 -20.81
C ILE A 42 -15.00 2.54 -20.78
N ILE A 43 -14.49 1.62 -21.59
CA ILE A 43 -13.06 1.43 -21.81
C ILE A 43 -12.84 1.74 -23.26
N ASN A 44 -11.89 2.65 -23.57
CA ASN A 44 -11.55 2.98 -24.96
C ASN A 44 -10.07 2.69 -25.19
N LEU A 45 -9.75 1.46 -25.67
CA LEU A 45 -8.40 0.95 -25.88
C LEU A 45 -7.75 1.43 -27.17
N ARG A 46 -6.50 1.87 -27.08
CA ARG A 46 -5.67 2.32 -28.20
C ARG A 46 -4.56 1.30 -28.46
N LYS A 47 -3.99 1.27 -29.69
CA LYS A 47 -2.92 0.35 -30.10
C LYS A 47 -1.63 0.62 -29.32
N THR A 57 -4.36 -13.50 -31.46
CA THR A 57 -5.42 -12.55 -31.13
C THR A 57 -5.16 -11.96 -29.74
N ALA A 58 -5.37 -10.64 -29.59
CA ALA A 58 -5.17 -9.92 -28.33
C ALA A 58 -6.12 -10.42 -27.23
N GLU A 59 -5.56 -10.56 -26.01
CA GLU A 59 -6.22 -11.04 -24.80
C GLU A 59 -6.03 -10.01 -23.69
N VAL A 60 -7.12 -9.67 -22.98
CA VAL A 60 -7.11 -8.69 -21.89
C VAL A 60 -7.94 -9.23 -20.71
N ALA A 61 -7.32 -9.25 -19.51
CA ALA A 61 -7.99 -9.64 -18.27
C ALA A 61 -8.59 -8.37 -17.66
N LEU A 62 -9.89 -8.40 -17.38
CA LEU A 62 -10.67 -7.30 -16.83
C LEU A 62 -11.04 -7.70 -15.41
N HIS A 63 -10.37 -7.07 -14.44
CA HIS A 63 -10.56 -7.35 -13.01
C HIS A 63 -11.57 -6.36 -12.43
N LEU A 64 -12.60 -6.91 -11.79
CA LEU A 64 -13.73 -6.16 -11.25
C LEU A 64 -13.92 -6.45 -9.78
N ARG A 65 -14.04 -5.40 -8.98
CA ARG A 65 -14.29 -5.48 -7.55
C ARG A 65 -15.07 -4.22 -7.14
N PRO A 66 -15.77 -4.18 -5.99
CA PRO A 66 -16.46 -2.93 -5.63
C PRO A 66 -15.50 -1.86 -5.13
N ILE A 67 -15.91 -0.58 -5.16
CA ILE A 67 -15.15 0.51 -4.52
C ILE A 67 -14.99 0.16 -3.04
N GLN A 68 -13.95 0.69 -2.35
CA GLN A 68 -13.64 0.40 -0.93
C GLN A 68 -14.84 0.56 0.04
N SER A 69 -15.71 1.56 -0.19
CA SER A 69 -16.88 1.85 0.67
C SER A 69 -18.04 0.80 0.52
N LEU A 70 -17.89 -0.18 -0.40
CA LEU A 70 -18.87 -1.25 -0.63
C LEU A 70 -18.28 -2.63 -0.30
N HIS A 71 -19.08 -3.47 0.39
CA HIS A 71 -18.72 -4.84 0.76
C HIS A 71 -19.10 -5.83 -0.35
N VAL A 72 -20.26 -5.60 -0.97
CA VAL A 72 -20.80 -6.40 -2.08
C VAL A 72 -21.40 -5.45 -3.09
N HIS A 73 -21.21 -5.74 -4.37
CA HIS A 73 -21.77 -4.91 -5.43
C HIS A 73 -22.90 -5.69 -6.11
N GLN A 74 -24.10 -5.08 -6.18
CA GLN A 74 -25.29 -5.75 -6.75
C GLN A 74 -26.08 -4.88 -7.75
N LYS A 75 -25.51 -3.73 -8.15
CA LYS A 75 -26.21 -2.85 -9.11
C LYS A 75 -25.96 -3.33 -10.54
N PRO A 76 -27.01 -3.39 -11.42
CA PRO A 76 -26.77 -3.80 -12.83
C PRO A 76 -25.63 -3.05 -13.50
N LEU A 77 -24.83 -3.77 -14.28
CA LEU A 77 -23.65 -3.18 -14.92
C LEU A 77 -23.70 -3.22 -16.41
N VAL A 78 -23.18 -2.15 -17.04
CA VAL A 78 -23.03 -2.06 -18.51
C VAL A 78 -21.57 -1.70 -18.79
N PHE A 79 -20.89 -2.53 -19.55
CA PHE A 79 -19.51 -2.33 -19.99
C PHE A 79 -19.49 -2.12 -21.48
N ILE A 80 -18.82 -1.04 -21.91
CA ILE A 80 -18.67 -0.70 -23.32
C ILE A 80 -17.18 -0.82 -23.54
N LEU A 81 -16.77 -1.90 -24.22
CA LEU A 81 -15.39 -2.29 -24.43
C LEU A 81 -15.00 -2.07 -25.87
N ASN A 82 -14.44 -0.89 -26.12
CA ASN A 82 -14.01 -0.49 -27.46
C ASN A 82 -12.52 -0.75 -27.66
N SER A 83 -12.16 -1.28 -28.84
CA SER A 83 -10.78 -1.58 -29.22
C SER A 83 -10.59 -1.43 -30.74
N PRO A 84 -9.40 -1.03 -31.26
CA PRO A 84 -9.24 -0.94 -32.74
C PRO A 84 -9.20 -2.29 -33.45
N GLN A 85 -8.79 -3.36 -32.73
CA GLN A 85 -8.70 -4.72 -33.27
C GLN A 85 -9.43 -5.70 -32.32
N PRO A 86 -9.92 -6.87 -32.80
CA PRO A 86 -10.65 -7.79 -31.90
C PRO A 86 -9.89 -8.14 -30.62
N ILE A 87 -10.62 -8.35 -29.49
CA ILE A 87 -9.98 -8.73 -28.21
C ILE A 87 -10.77 -9.84 -27.52
N LEU A 88 -10.06 -10.84 -26.98
CA LEU A 88 -10.65 -11.87 -26.14
C LEU A 88 -10.57 -11.40 -24.67
N TRP A 89 -11.71 -10.99 -24.12
CA TRP A 89 -11.78 -10.47 -22.76
C TRP A 89 -11.99 -11.59 -21.76
N LYS A 90 -11.22 -11.58 -20.66
CA LYS A 90 -11.34 -12.54 -19.56
C LYS A 90 -11.80 -11.73 -18.35
N VAL A 91 -12.99 -12.00 -17.84
CA VAL A 91 -13.54 -11.22 -16.73
C VAL A 91 -13.36 -11.97 -15.42
N ARG A 92 -12.64 -11.32 -14.50
CA ARG A 92 -12.39 -11.82 -13.15
C ARG A 92 -13.11 -10.89 -12.17
N THR A 93 -13.99 -11.46 -11.32
CA THR A 93 -14.74 -10.64 -10.36
C THR A 93 -14.48 -11.08 -8.94
N GLU A 94 -14.59 -10.12 -8.02
CA GLU A 94 -14.47 -10.31 -6.58
C GLU A 94 -15.54 -9.45 -5.92
N LYS A 95 -16.35 -10.05 -5.02
CA LYS A 95 -17.41 -9.40 -4.22
C LYS A 95 -18.52 -8.75 -5.09
N LEU A 96 -18.79 -9.37 -6.26
CA LEU A 96 -19.85 -8.97 -7.17
C LEU A 96 -20.93 -10.02 -7.06
N ALA A 97 -22.12 -9.60 -6.55
CA ALA A 97 -23.28 -10.46 -6.30
C ALA A 97 -23.71 -11.24 -7.55
N PRO A 98 -23.80 -12.59 -7.47
CA PRO A 98 -24.23 -13.38 -8.65
C PRO A 98 -25.71 -13.19 -8.96
N GLY A 99 -26.09 -13.43 -10.22
CA GLY A 99 -27.48 -13.32 -10.67
C GLY A 99 -27.91 -11.95 -11.14
N VAL A 100 -27.02 -10.94 -11.01
CA VAL A 100 -27.27 -9.55 -11.39
C VAL A 100 -27.02 -9.40 -12.91
N LYS A 101 -27.93 -8.66 -13.60
CA LYS A 101 -27.84 -8.34 -15.02
C LYS A 101 -26.60 -7.48 -15.31
N ARG A 102 -25.62 -8.06 -16.03
CA ARG A 102 -24.37 -7.38 -16.46
C ARG A 102 -24.27 -7.51 -17.99
N ILE A 103 -24.19 -6.38 -18.74
CA ILE A 103 -24.12 -6.38 -20.22
C ILE A 103 -22.75 -5.87 -20.68
N PHE A 104 -22.24 -6.46 -21.77
CA PHE A 104 -20.96 -6.12 -22.40
C PHE A 104 -21.17 -5.77 -23.88
N HIS A 105 -20.81 -4.54 -24.28
CA HIS A 105 -20.88 -4.08 -25.67
C HIS A 105 -19.46 -4.11 -26.17
N VAL A 106 -19.18 -4.95 -27.18
CA VAL A 106 -17.82 -5.12 -27.75
C VAL A 106 -17.84 -4.90 -29.27
N VAL A 107 -16.65 -4.79 -29.89
CA VAL A 107 -16.52 -4.64 -31.34
C VAL A 107 -16.57 -6.03 -32.02
N GLU A 108 -16.68 -6.06 -33.39
CA GLU A 108 -16.71 -7.33 -34.14
C GLU A 108 -15.40 -8.08 -33.95
N GLY A 109 -15.52 -9.37 -33.66
CA GLY A 109 -14.40 -10.26 -33.40
C GLY A 109 -14.06 -10.35 -31.92
N SER A 110 -14.49 -9.36 -31.13
CA SER A 110 -14.22 -9.41 -29.70
C SER A 110 -15.19 -10.36 -28.96
N GLU A 111 -14.72 -10.95 -27.85
CA GLU A 111 -15.50 -11.88 -27.03
C GLU A 111 -15.25 -11.63 -25.55
N VAL A 112 -16.16 -12.12 -24.69
CA VAL A 112 -16.06 -11.96 -23.24
C VAL A 112 -16.26 -13.33 -22.60
N HIS A 113 -15.31 -13.76 -21.77
CA HIS A 113 -15.33 -15.04 -21.06
C HIS A 113 -15.21 -14.81 -19.58
N PHE A 114 -15.97 -15.55 -18.78
CA PHE A 114 -16.04 -15.39 -17.32
C PHE A 114 -15.63 -16.64 -16.56
N GLU A 115 -15.43 -16.48 -15.24
CA GLU A 115 -15.13 -17.55 -14.27
C GLU A 115 -16.50 -18.02 -13.70
N VAL A 116 -17.35 -18.56 -14.61
CA VAL A 116 -18.73 -19.04 -14.37
C VAL A 116 -18.76 -20.15 -13.31
N SER A 120 -24.63 -16.74 -18.60
CA SER A 120 -25.78 -17.64 -18.55
C SER A 120 -26.77 -17.24 -17.44
N LYS A 121 -26.30 -16.50 -16.42
CA LYS A 121 -27.12 -16.04 -15.29
C LYS A 121 -27.22 -14.49 -15.33
N SER A 122 -28.22 -13.98 -16.09
CA SER A 122 -28.53 -12.56 -16.33
C SER A 122 -27.28 -11.82 -16.83
N CYS A 123 -26.78 -12.27 -17.99
CA CYS A 123 -25.57 -11.72 -18.59
C CYS A 123 -25.56 -11.95 -20.09
N GLU A 124 -25.21 -10.88 -20.85
CA GLU A 124 -25.13 -10.98 -22.31
C GLU A 124 -24.03 -10.07 -22.90
N VAL A 125 -23.48 -10.50 -24.04
CA VAL A 125 -22.44 -9.85 -24.83
C VAL A 125 -23.06 -9.41 -26.18
N LYS A 126 -23.11 -8.09 -26.42
CA LYS A 126 -23.67 -7.52 -27.64
C LYS A 126 -22.55 -6.97 -28.52
N VAL A 127 -22.56 -7.33 -29.81
CA VAL A 127 -21.55 -6.87 -30.79
C VAL A 127 -22.10 -5.58 -31.45
N GLU A 128 -21.27 -4.51 -31.45
CA GLU A 128 -21.67 -3.19 -31.94
C GLU A 128 -20.68 -2.57 -32.91
N THR A 129 -21.13 -1.56 -33.65
CA THR A 129 -20.23 -0.74 -34.44
C THR A 129 -19.98 0.45 -33.53
N LEU A 130 -18.74 0.65 -33.12
CA LEU A 130 -18.44 1.72 -32.19
C LEU A 130 -17.52 2.79 -32.79
N PRO A 131 -17.81 4.09 -32.53
CA PRO A 131 -16.88 5.15 -32.99
C PRO A 131 -15.53 5.09 -32.25
N HIS A 132 -14.47 5.72 -32.81
CA HIS A 132 -13.14 5.64 -32.19
C HIS A 132 -12.78 6.85 -31.28
N GLY A 133 -13.32 8.03 -31.60
CA GLY A 133 -13.14 9.25 -30.82
C GLY A 133 -13.78 9.08 -29.46
N ASN A 134 -13.13 9.64 -28.42
CA ASN A 134 -13.59 9.54 -27.04
C ASN A 134 -14.99 10.10 -26.89
N GLU A 135 -15.18 11.37 -27.29
CA GLU A 135 -16.46 12.09 -27.21
C GLU A 135 -17.55 11.40 -28.02
N HIS A 136 -17.24 10.81 -29.21
CA HIS A 136 -18.24 10.09 -30.01
C HIS A 136 -18.72 8.82 -29.31
N LEU A 137 -17.78 8.08 -28.68
CA LEU A 137 -18.05 6.86 -27.91
C LEU A 137 -18.92 7.17 -26.68
N LEU A 138 -18.59 8.29 -25.98
CA LEU A 138 -19.38 8.77 -24.85
C LEU A 138 -20.80 9.11 -25.34
N ASN A 139 -20.92 9.74 -26.53
CA ASN A 139 -22.19 10.09 -27.16
C ASN A 139 -22.99 8.83 -27.52
N TRP A 140 -22.31 7.78 -28.00
CA TRP A 140 -22.93 6.50 -28.37
C TRP A 140 -23.59 5.89 -27.14
N ALA A 141 -22.88 5.96 -25.99
CA ALA A 141 -23.33 5.47 -24.69
C ALA A 141 -24.49 6.30 -24.18
N HIS A 142 -24.41 7.65 -24.29
CA HIS A 142 -25.48 8.57 -23.86
C HIS A 142 -26.78 8.31 -24.62
N HIS A 143 -26.69 7.80 -25.85
CA HIS A 143 -27.87 7.49 -26.67
C HIS A 143 -28.56 6.22 -26.15
N ARG A 144 -27.81 5.29 -25.55
CA ARG A 144 -28.39 4.04 -25.05
C ARG A 144 -28.72 4.08 -23.56
N TYR A 145 -27.95 4.86 -22.77
CA TYR A 145 -28.08 5.06 -21.32
C TYR A 145 -27.94 6.55 -21.06
N THR A 146 -28.77 7.12 -20.22
CA THR A 146 -28.78 8.57 -19.99
C THR A 146 -27.51 9.06 -19.30
N ALA A 147 -26.99 8.27 -18.37
CA ALA A 147 -25.82 8.61 -17.57
C ALA A 147 -24.76 7.49 -17.61
N VAL A 148 -23.49 7.87 -17.52
CA VAL A 148 -22.31 6.99 -17.56
C VAL A 148 -21.55 7.13 -16.23
N THR A 149 -21.04 6.01 -15.67
CA THR A 149 -20.31 5.99 -14.40
C THR A 149 -18.81 6.29 -14.58
N SER A 150 -18.15 5.72 -15.60
CA SER A 150 -16.73 6.00 -15.86
C SER A 150 -16.38 5.87 -17.32
N PHE A 151 -15.32 6.58 -17.73
CA PHE A 151 -14.77 6.53 -19.09
C PHE A 151 -13.27 6.45 -18.95
N SER A 152 -12.62 5.40 -19.47
CA SER A 152 -11.16 5.33 -19.41
C SER A 152 -10.59 5.09 -20.81
N GLU A 153 -9.84 6.08 -21.31
CA GLU A 153 -9.07 5.88 -22.53
C GLU A 153 -7.68 5.39 -22.11
N LEU A 154 -7.24 4.26 -22.66
CA LEU A 154 -5.98 3.59 -22.34
C LEU A 154 -5.16 3.33 -23.56
N ARG A 155 -3.83 3.52 -23.43
CA ARG A 155 -2.81 3.35 -24.50
C ARG A 155 -2.60 1.89 -24.89
N MET A 156 -3.13 0.91 -24.09
CA MET A 156 -3.18 -0.56 -24.25
C MET A 156 -3.20 -1.13 -22.86
N ALA A 157 -2.82 -2.45 -22.64
CA ALA A 157 -2.76 -3.15 -21.33
C ALA A 157 -2.93 -4.65 -21.43
N HIS A 158 -2.35 -5.37 -20.45
CA HIS A 158 -2.50 -6.81 -20.29
C HIS A 158 -3.64 -7.10 -19.30
N ASP A 159 -3.78 -6.24 -18.27
CA ASP A 159 -4.80 -6.28 -17.21
C ASP A 159 -5.35 -4.89 -16.97
N ILE A 160 -6.69 -4.80 -16.83
CA ILE A 160 -7.42 -3.58 -16.55
C ILE A 160 -8.18 -3.84 -15.27
N TYR A 161 -8.05 -2.93 -14.32
CA TYR A 161 -8.66 -3.02 -13.01
C TYR A 161 -9.71 -1.95 -12.87
N ILE A 162 -10.97 -2.39 -12.76
CA ILE A 162 -12.11 -1.48 -12.58
C ILE A 162 -12.75 -1.75 -11.22
N LYS A 163 -12.90 -0.69 -10.43
CA LYS A 163 -13.61 -0.75 -9.16
C LYS A 163 -15.03 -0.20 -9.45
N VAL A 164 -16.04 -1.05 -9.31
CA VAL A 164 -17.43 -0.69 -9.62
C VAL A 164 -18.15 -0.11 -8.39
N GLY A 165 -19.12 0.75 -8.66
CA GLY A 165 -19.89 1.40 -7.62
C GLY A 165 -19.88 2.89 -7.83
N GLU A 166 -20.93 3.59 -7.40
CA GLU A 166 -20.98 5.03 -7.56
C GLU A 166 -20.26 5.69 -6.39
N ASP A 167 -19.11 6.29 -6.71
CA ASP A 167 -18.22 6.95 -5.75
C ASP A 167 -18.74 8.41 -5.50
N PRO A 168 -18.95 8.83 -4.23
CA PRO A 168 -19.54 10.18 -3.99
C PRO A 168 -18.61 11.38 -4.22
N VAL A 169 -17.30 11.14 -4.38
CA VAL A 169 -16.24 12.14 -4.60
C VAL A 169 -16.36 12.80 -6.00
N PHE A 170 -17.05 12.12 -6.91
CA PHE A 170 -17.17 12.55 -8.29
C PHE A 170 -18.36 13.47 -8.45
N SER A 171 -18.30 14.34 -9.48
CA SER A 171 -19.37 15.26 -9.85
C SER A 171 -20.50 14.44 -10.50
N GLU A 172 -21.61 15.12 -10.85
CA GLU A 172 -22.78 14.46 -11.43
C GLU A 172 -22.59 14.08 -12.92
N THR A 173 -21.61 14.66 -13.63
CA THR A 173 -21.43 14.33 -15.06
C THR A 173 -20.04 13.78 -15.34
N CYS A 174 -19.89 13.06 -16.47
CA CYS A 174 -18.62 12.52 -16.97
C CYS A 174 -18.11 13.48 -18.05
N LYS A 175 -17.12 14.32 -17.69
CA LYS A 175 -16.48 15.29 -18.58
C LYS A 175 -15.06 14.80 -18.78
N ILE A 176 -14.77 14.17 -19.94
CA ILE A 176 -13.48 13.56 -20.23
C ILE A 176 -12.33 14.61 -20.04
N ASP A 177 -11.27 14.21 -19.33
CA ASP A 177 -10.15 15.10 -19.08
C ASP A 177 -8.86 14.28 -19.24
N ASN A 178 -7.91 14.81 -20.01
CA ASN A 178 -6.62 14.17 -20.31
C ASN A 178 -5.71 14.09 -19.07
N LYS A 179 -6.03 14.83 -18.01
CA LYS A 179 -5.29 14.83 -16.75
C LYS A 179 -6.02 14.04 -15.66
N PHE A 180 -7.17 13.43 -15.97
CA PHE A 180 -7.92 12.66 -14.99
C PHE A 180 -7.19 11.36 -14.58
N LEU A 181 -7.19 11.05 -13.27
CA LEU A 181 -6.67 9.77 -12.80
C LEU A 181 -7.37 9.32 -11.53
N SER A 182 -8.01 8.16 -11.58
CA SER A 182 -8.65 7.55 -10.42
C SER A 182 -8.08 6.17 -10.23
N LEU A 183 -7.79 5.81 -8.97
CA LEU A 183 -7.31 4.47 -8.59
C LEU A 183 -8.39 3.42 -8.82
N ASN A 184 -9.61 3.86 -9.10
CA ASN A 184 -10.73 2.98 -9.44
C ASN A 184 -10.62 2.39 -10.85
N TYR A 185 -9.92 3.08 -11.77
CA TYR A 185 -9.85 2.66 -13.17
C TYR A 185 -8.42 2.71 -13.64
N LEU A 186 -7.71 1.60 -13.54
CA LEU A 186 -6.30 1.55 -13.85
C LEU A 186 -5.94 0.38 -14.75
N ALA A 187 -4.92 0.58 -15.56
CA ALA A 187 -4.33 -0.44 -16.38
C ALA A 187 -2.79 -0.37 -16.24
N SER A 188 -2.16 -1.54 -16.21
CA SER A 188 -0.72 -1.68 -16.05
C SER A 188 -0.14 -2.39 -17.25
N TYR A 189 1.08 -2.02 -17.60
CA TYR A 189 1.81 -2.59 -18.72
C TYR A 189 3.27 -2.70 -18.30
N ILE A 190 3.86 -3.89 -18.47
CA ILE A 190 5.26 -4.12 -18.12
C ILE A 190 5.96 -4.59 -19.37
N GLU A 191 7.07 -3.92 -19.70
CA GLU A 191 7.83 -4.17 -20.91
C GLU A 191 9.32 -4.46 -20.61
N PRO A 192 9.90 -5.62 -21.02
CA PRO A 192 11.35 -5.84 -20.81
C PRO A 192 12.17 -4.78 -21.56
N GLN A 193 13.31 -4.37 -21.02
CA GLN A 193 14.16 -3.36 -21.62
C GLN A 193 15.56 -3.89 -21.86
N PRO A 194 16.23 -3.52 -22.98
CA PRO A 194 17.58 -4.07 -23.22
C PRO A 194 18.65 -3.39 -22.36
N SER A 195 19.80 -4.07 -22.17
CA SER A 195 20.93 -3.52 -21.41
C SER A 195 22.23 -3.96 -22.07
N THR A 196 23.34 -3.32 -21.66
CA THR A 196 24.72 -3.73 -21.97
C THR A 196 25.34 -4.09 -20.62
N GLY A 197 26.40 -4.88 -20.64
CA GLY A 197 27.04 -5.32 -19.41
C GLY A 197 27.90 -6.53 -19.61
N CYS A 198 28.39 -7.09 -18.50
CA CYS A 198 29.31 -8.23 -18.48
C CYS A 198 29.22 -8.99 -17.15
N VAL A 199 29.48 -10.31 -17.18
CA VAL A 199 29.59 -11.16 -16.01
C VAL A 199 31.08 -11.45 -15.87
N LEU A 200 31.64 -11.23 -14.67
CA LEU A 200 33.06 -11.34 -14.38
C LEU A 200 33.41 -12.55 -13.50
N SER A 201 32.48 -13.05 -12.66
CA SER A 201 32.65 -14.21 -11.80
C SER A 201 31.30 -14.69 -11.25
N ASP A 204 31.67 -16.17 -4.70
CA ASP A 204 32.98 -16.76 -4.47
C ASP A 204 33.13 -17.15 -3.00
N HIS A 205 32.97 -16.18 -2.09
CA HIS A 205 33.03 -16.42 -0.64
C HIS A 205 31.60 -16.26 -0.10
N GLU A 206 30.65 -16.91 -0.81
CA GLU A 206 29.18 -16.89 -0.60
C GLU A 206 28.63 -15.43 -0.68
N GLN A 207 29.23 -14.64 -1.59
CA GLN A 207 28.93 -13.23 -1.85
C GLN A 207 28.86 -12.94 -3.35
N GLU A 208 27.99 -11.97 -3.72
CA GLU A 208 27.85 -11.44 -5.08
C GLU A 208 27.83 -9.91 -5.03
N VAL A 209 28.54 -9.24 -5.97
CA VAL A 209 28.55 -7.78 -6.03
C VAL A 209 28.10 -7.38 -7.45
N HIS A 210 26.99 -6.65 -7.54
CA HIS A 210 26.35 -6.26 -8.80
C HIS A 210 26.29 -4.75 -8.96
N ILE A 211 26.76 -4.28 -10.09
CA ILE A 211 26.77 -2.85 -10.43
C ILE A 211 25.69 -2.60 -11.46
N ILE A 212 24.73 -1.72 -11.13
CA ILE A 212 23.65 -1.32 -12.01
C ILE A 212 23.76 0.17 -12.28
N GLU A 213 24.00 0.53 -13.54
CA GLU A 213 24.11 1.92 -13.96
C GLU A 213 22.93 2.23 -14.87
N LEU A 214 21.99 3.05 -14.37
CA LEU A 214 20.78 3.42 -15.09
C LEU A 214 20.92 4.80 -15.65
N GLN A 215 20.62 4.97 -16.92
CA GLN A 215 20.73 6.30 -17.52
C GLN A 215 19.50 7.12 -17.16
N ALA A 216 18.29 6.55 -17.29
CA ALA A 216 17.05 7.30 -17.02
C ALA A 216 15.93 6.38 -16.48
N PRO A 217 15.20 6.79 -15.42
CA PRO A 217 14.13 5.91 -14.88
C PRO A 217 12.83 5.89 -15.69
N ASN A 218 12.70 6.76 -16.72
CA ASN A 218 11.53 6.85 -17.60
C ASN A 218 11.89 7.67 -18.83
N SER A 221 10.43 13.24 -17.76
CA SER A 221 11.29 13.86 -16.76
C SER A 221 10.58 13.91 -15.38
N ALA A 222 10.04 12.75 -14.94
CA ALA A 222 9.38 12.63 -13.64
C ALA A 222 10.46 12.47 -12.56
N PHE A 223 10.53 13.47 -11.65
CA PHE A 223 11.55 13.62 -10.59
C PHE A 223 11.36 12.67 -9.37
N GLN A 224 12.51 12.18 -8.83
CA GLN A 224 12.65 11.32 -7.63
C GLN A 224 11.67 10.11 -7.68
N VAL A 225 11.59 9.48 -8.87
CA VAL A 225 10.71 8.32 -9.05
C VAL A 225 11.40 7.07 -8.52
N ASP A 226 10.59 6.09 -8.15
CA ASP A 226 11.03 4.82 -7.62
C ASP A 226 11.59 3.91 -8.72
N VAL A 227 12.72 3.27 -8.43
CA VAL A 227 13.36 2.26 -9.30
C VAL A 227 13.47 1.03 -8.42
N ILE A 228 12.71 -0.01 -8.77
CA ILE A 228 12.66 -1.23 -7.98
C ILE A 228 13.81 -2.16 -8.38
N VAL A 229 14.48 -2.72 -7.37
CA VAL A 229 15.49 -3.75 -7.54
C VAL A 229 14.91 -4.98 -6.81
N ASP A 230 14.45 -5.95 -7.60
CA ASP A 230 13.88 -7.19 -7.14
C ASP A 230 15.01 -8.27 -7.11
N LEU A 231 15.31 -8.76 -5.92
CA LEU A 231 16.37 -9.71 -5.58
C LEU A 231 15.78 -11.07 -5.22
N ARG A 232 16.11 -12.14 -5.97
CA ARG A 232 15.60 -13.52 -5.76
C ARG A 232 16.60 -14.59 -6.20
N PRO A 233 16.50 -15.87 -5.74
CA PRO A 233 17.35 -16.90 -6.37
C PRO A 233 16.90 -17.14 -7.81
N LEU A 234 17.85 -17.48 -8.70
CA LEU A 234 17.53 -17.80 -10.09
C LEU A 234 16.55 -18.99 -10.13
N ASP A 235 16.76 -19.98 -9.23
CA ASP A 235 15.93 -21.18 -9.05
C ASP A 235 14.47 -20.81 -8.73
N GLY A 236 14.24 -20.17 -7.57
CA GLY A 236 12.91 -19.73 -7.18
C GLY A 236 12.22 -20.66 -6.21
N ASP A 237 12.58 -21.94 -6.23
CA ASP A 237 12.01 -22.95 -5.34
C ASP A 237 12.94 -23.20 -4.14
N ILE A 238 14.24 -22.80 -4.24
CA ILE A 238 15.16 -23.05 -3.12
C ILE A 238 15.77 -21.72 -2.58
N PRO A 239 15.46 -21.38 -1.29
CA PRO A 239 16.04 -20.17 -0.66
C PRO A 239 17.56 -20.22 -0.57
N LEU A 240 18.22 -19.06 -0.67
CA LEU A 240 19.68 -19.01 -0.70
C LEU A 240 20.31 -18.28 0.46
N HIS A 241 21.50 -18.75 0.88
CA HIS A 241 22.31 -18.03 1.86
C HIS A 241 23.44 -17.37 1.09
N ARG A 242 23.27 -16.07 0.79
CA ARG A 242 24.19 -15.29 -0.03
C ARG A 242 24.28 -13.86 0.50
N ASP A 243 25.50 -13.34 0.57
CA ASP A 243 25.77 -11.94 0.87
C ASP A 243 25.69 -11.21 -0.45
N VAL A 244 25.04 -10.04 -0.46
CA VAL A 244 24.82 -9.26 -1.69
C VAL A 244 25.29 -7.82 -1.50
N VAL A 245 26.06 -7.31 -2.47
CA VAL A 245 26.53 -5.92 -2.54
C VAL A 245 25.97 -5.33 -3.83
N LEU A 246 25.26 -4.20 -3.72
CA LEU A 246 24.64 -3.49 -4.84
C LEU A 246 25.26 -2.12 -5.01
N LEU A 247 25.78 -1.83 -6.19
CA LEU A 247 26.32 -0.52 -6.57
C LEU A 247 25.33 0.07 -7.53
N LEU A 248 24.55 1.04 -7.05
CA LEU A 248 23.46 1.60 -7.82
C LEU A 248 23.74 3.02 -8.21
N LYS A 249 23.77 3.27 -9.52
CA LYS A 249 24.10 4.58 -10.09
C LYS A 249 23.05 5.01 -11.11
N CYS A 250 22.61 6.27 -11.04
CA CYS A 250 21.69 6.85 -12.02
C CYS A 250 22.10 8.27 -12.32
N GLU A 251 21.92 8.67 -13.59
CA GLU A 251 22.21 10.03 -14.08
C GLU A 251 21.26 11.03 -13.42
N LYS A 252 20.01 10.59 -13.21
CA LYS A 252 18.92 11.35 -12.61
C LYS A 252 18.71 10.92 -11.16
N SER A 253 17.98 11.74 -10.40
CA SER A 253 17.66 11.45 -9.01
C SER A 253 16.55 10.43 -8.93
N VAL A 254 16.82 9.29 -8.28
CA VAL A 254 15.84 8.21 -8.11
C VAL A 254 15.82 7.75 -6.67
N ASN A 255 14.79 6.99 -6.32
CA ASN A 255 14.67 6.33 -5.04
C ASN A 255 14.79 4.84 -5.34
N TRP A 256 15.85 4.16 -4.89
CA TRP A 256 15.98 2.72 -5.16
C TRP A 256 15.17 1.92 -4.15
N VAL A 257 14.24 1.07 -4.62
CA VAL A 257 13.37 0.30 -3.72
C VAL A 257 13.88 -1.14 -3.77
N ILE A 258 14.37 -1.65 -2.62
CA ILE A 258 14.97 -3.02 -2.61
C ILE A 258 13.94 -4.02 -2.13
N LYS A 259 13.65 -5.01 -2.97
CA LYS A 259 12.67 -6.07 -2.67
C LYS A 259 13.34 -7.43 -2.78
N ALA A 260 13.83 -7.94 -1.66
CA ALA A 260 14.47 -9.26 -1.62
C ALA A 260 13.41 -10.32 -1.34
N HIS A 261 13.61 -11.53 -1.90
CA HIS A 261 12.76 -12.70 -1.70
C HIS A 261 13.64 -13.93 -1.68
N LYS A 262 13.38 -14.85 -0.72
CA LYS A 262 14.06 -16.16 -0.54
C LYS A 262 15.61 -16.06 -0.56
N VAL A 263 16.14 -14.98 0.00
CA VAL A 263 17.57 -14.78 0.09
C VAL A 263 17.87 -14.20 1.49
N MET A 264 18.79 -14.87 2.21
CA MET A 264 19.24 -14.45 3.54
C MET A 264 20.72 -14.21 3.51
N GLY A 265 21.14 -13.09 4.06
CA GLY A 265 22.54 -12.74 4.14
C GLY A 265 22.73 -11.26 4.34
N LYS A 266 23.97 -10.80 4.23
CA LYS A 266 24.28 -9.38 4.38
C LYS A 266 23.90 -8.67 3.11
N LEU A 267 23.37 -7.45 3.25
CA LEU A 267 23.01 -6.63 2.11
C LEU A 267 23.68 -5.29 2.29
N GLU A 268 24.57 -4.93 1.34
CA GLU A 268 25.25 -3.65 1.36
C GLU A 268 24.87 -2.89 0.10
N ILE A 269 24.37 -1.65 0.28
CA ILE A 269 23.96 -0.82 -0.85
C ILE A 269 24.88 0.43 -0.93
N MET A 270 25.50 0.63 -2.11
CA MET A 270 26.42 1.75 -2.37
C MET A 270 25.78 2.61 -3.44
N THR A 271 25.40 3.84 -3.08
CA THR A 271 24.71 4.79 -3.94
C THR A 271 24.69 6.20 -3.32
N SER A 272 24.49 7.23 -4.14
CA SER A 272 24.37 8.64 -3.71
C SER A 272 22.87 9.02 -3.59
N ASP A 273 21.98 8.13 -4.05
CA ASP A 273 20.53 8.28 -4.04
C ASP A 273 19.92 7.74 -2.75
N THR A 274 18.61 8.01 -2.52
CA THR A 274 17.86 7.48 -1.39
C THR A 274 17.53 6.00 -1.67
N VAL A 275 17.37 5.21 -0.60
CA VAL A 275 17.10 3.77 -0.68
C VAL A 275 15.93 3.44 0.23
N SER A 276 14.91 2.76 -0.30
CA SER A 276 13.78 2.27 0.49
C SER A 276 13.91 0.78 0.53
N LEU A 277 13.77 0.20 1.70
CA LEU A 277 13.85 -1.24 1.88
C LEU A 277 12.47 -1.78 2.14
N SER A 278 12.08 -2.90 1.48
CA SER A 278 10.81 -3.57 1.74
C SER A 278 10.88 -4.20 3.14
N GLU A 279 9.73 -4.43 3.79
CA GLU A 279 9.69 -5.04 5.13
C GLU A 279 10.32 -6.45 5.11
N ASP A 280 10.09 -7.19 4.01
CA ASP A 280 10.62 -8.54 3.75
C ASP A 280 12.15 -8.54 3.65
N THR A 281 12.71 -7.49 3.02
CA THR A 281 14.15 -7.27 2.84
C THR A 281 14.84 -7.09 4.21
N GLU A 282 14.29 -6.23 5.08
CA GLU A 282 14.83 -5.93 6.42
C GLU A 282 14.77 -7.16 7.33
N ARG A 283 13.79 -8.03 7.10
CA ARG A 283 13.57 -9.28 7.82
C ARG A 283 14.48 -10.39 7.33
N LEU A 284 14.56 -10.61 6.00
CA LEU A 284 15.37 -11.68 5.39
C LEU A 284 16.86 -11.44 5.50
N MET A 285 17.27 -10.20 5.27
CA MET A 285 18.66 -9.84 5.19
C MET A 285 19.12 -8.89 6.31
N GLN A 286 20.45 -8.86 6.55
CA GLN A 286 21.10 -7.98 7.52
C GLN A 286 21.65 -6.79 6.74
N VAL A 287 20.82 -5.75 6.59
CA VAL A 287 21.13 -4.57 5.80
C VAL A 287 21.97 -3.61 6.62
N SER A 288 23.18 -3.31 6.11
CA SER A 288 24.09 -2.36 6.73
C SER A 288 23.51 -0.95 6.57
N LYS A 289 23.65 -0.07 7.59
CA LYS A 289 23.13 1.30 7.53
C LYS A 289 23.71 2.01 6.31
N THR A 290 22.83 2.32 5.34
CA THR A 290 23.21 2.93 4.08
C THR A 290 23.72 4.36 4.31
N VAL A 291 24.99 4.59 3.92
CA VAL A 291 25.68 5.89 3.98
C VAL A 291 25.88 6.30 2.51
N LYS A 292 25.55 7.57 2.18
CA LYS A 292 25.61 8.07 0.80
C LYS A 292 27.03 8.03 0.24
N GLN A 293 27.19 7.28 -0.87
CA GLN A 293 28.47 7.06 -1.55
C GLN A 293 28.48 7.77 -2.90
N LYS A 294 29.48 8.63 -3.13
CA LYS A 294 29.63 9.32 -4.39
C LYS A 294 30.40 8.39 -5.33
N LEU A 295 29.64 7.74 -6.24
CA LEU A 295 30.18 6.77 -7.20
C LEU A 295 30.54 7.44 -8.54
N PRO A 296 31.62 6.99 -9.22
CA PRO A 296 31.93 7.56 -10.54
C PRO A 296 31.02 6.98 -11.64
N ALA A 297 31.15 7.50 -12.88
CA ALA A 297 30.37 7.05 -14.03
C ALA A 297 31.18 6.07 -14.91
N GLY A 298 30.47 5.21 -15.66
CA GLY A 298 31.08 4.25 -16.56
C GLY A 298 31.57 2.96 -15.91
N SER A 299 31.53 1.86 -16.69
CA SER A 299 31.89 0.49 -16.29
C SER A 299 33.30 0.38 -15.71
N GLN A 300 34.26 1.03 -16.36
CA GLN A 300 35.68 1.04 -16.01
C GLN A 300 35.91 1.60 -14.61
N ALA A 301 35.38 2.82 -14.35
CA ALA A 301 35.52 3.52 -13.07
C ALA A 301 34.70 2.88 -11.95
N LEU A 302 33.54 2.26 -12.27
CA LEU A 302 32.66 1.64 -11.28
C LEU A 302 33.22 0.29 -10.78
N ILE A 303 33.76 -0.55 -11.69
CA ILE A 303 34.38 -1.83 -11.35
C ILE A 303 35.67 -1.58 -10.52
N GLN A 304 36.41 -0.51 -10.87
CA GLN A 304 37.63 -0.09 -10.16
C GLN A 304 37.27 0.39 -8.74
N TRP A 305 36.20 1.22 -8.59
CA TRP A 305 35.72 1.74 -7.30
C TRP A 305 35.34 0.58 -6.37
N ALA A 306 34.59 -0.41 -6.90
CA ALA A 306 34.12 -1.60 -6.19
C ALA A 306 35.32 -2.42 -5.65
N GLU A 307 36.33 -2.63 -6.50
CA GLU A 307 37.54 -3.39 -6.20
C GLU A 307 38.45 -2.68 -5.18
N GLU A 308 38.36 -1.33 -5.10
CA GLU A 308 39.17 -0.51 -4.21
C GLU A 308 38.51 -0.36 -2.83
N ASN A 309 37.19 -0.55 -2.74
CA ASN A 309 36.44 -0.40 -1.48
C ASN A 309 36.07 -1.77 -0.85
N GLY A 310 36.90 -2.78 -1.11
CA GLY A 310 36.78 -4.13 -0.55
C GLY A 310 35.61 -4.98 -1.04
N PHE A 311 35.17 -4.80 -2.30
CA PHE A 311 34.07 -5.62 -2.84
C PHE A 311 34.61 -6.49 -3.97
N ASN A 312 35.33 -7.57 -3.61
CA ASN A 312 35.99 -8.47 -4.54
C ASN A 312 35.53 -9.93 -4.43
N PRO A 313 35.24 -10.58 -5.57
CA PRO A 313 35.26 -10.04 -6.94
C PRO A 313 33.90 -9.46 -7.35
N VAL A 314 33.90 -8.67 -8.45
CA VAL A 314 32.69 -8.12 -9.01
C VAL A 314 32.01 -9.26 -9.79
N THR A 315 30.68 -9.45 -9.59
CA THR A 315 29.93 -10.50 -10.27
C THR A 315 29.51 -9.99 -11.65
N SER A 316 28.81 -8.85 -11.70
CA SER A 316 28.33 -8.29 -12.96
C SER A 316 28.24 -6.78 -12.93
N TYR A 317 28.24 -6.21 -14.14
CA TYR A 317 28.01 -4.81 -14.40
C TYR A 317 26.87 -4.74 -15.43
N THR A 318 25.92 -3.84 -15.23
CA THR A 318 24.80 -3.66 -16.15
C THR A 318 24.61 -2.18 -16.40
N ASN A 319 24.49 -1.79 -17.67
CA ASN A 319 24.21 -0.42 -18.06
C ASN A 319 22.87 -0.45 -18.77
N THR A 320 21.91 0.34 -18.30
CA THR A 320 20.57 0.33 -18.86
C THR A 320 20.12 1.75 -19.25
N PRO A 321 19.75 1.97 -20.52
CA PRO A 321 19.31 3.32 -20.94
C PRO A 321 18.03 3.78 -20.25
N VAL A 322 16.99 2.90 -20.16
CA VAL A 322 15.71 3.29 -19.55
C VAL A 322 15.09 2.06 -18.85
N ALA A 323 14.69 2.23 -17.58
CA ALA A 323 14.07 1.20 -16.77
C ALA A 323 13.66 1.77 -15.42
N ASN A 324 12.65 1.18 -14.78
CA ASN A 324 12.25 1.57 -13.42
C ASN A 324 12.07 0.30 -12.58
N HIS A 325 12.54 -0.83 -13.12
CA HIS A 325 12.46 -2.13 -12.47
C HIS A 325 13.59 -3.03 -12.95
N PHE A 326 14.29 -3.67 -12.02
CA PHE A 326 15.39 -4.60 -12.29
C PHE A 326 15.12 -5.88 -11.57
N ASN A 327 15.26 -7.00 -12.28
CA ASN A 327 15.15 -8.34 -11.70
C ASN A 327 16.56 -8.92 -11.63
N LEU A 328 17.08 -9.02 -10.41
CA LEU A 328 18.38 -9.58 -10.15
C LEU A 328 18.17 -11.01 -9.67
N ARG A 329 18.80 -11.97 -10.37
CA ARG A 329 18.68 -13.38 -10.03
C ARG A 329 20.06 -13.92 -9.66
N LEU A 330 20.17 -14.46 -8.44
CA LEU A 330 21.43 -14.95 -7.90
C LEU A 330 21.63 -16.45 -8.20
N ARG A 331 22.89 -16.84 -8.53
CA ARG A 331 23.31 -18.19 -8.97
C ARG A 331 22.92 -19.30 -8.00
N GLU A 332 22.65 -20.52 -8.56
CA GLU A 332 22.27 -21.76 -7.85
C GLU A 332 20.78 -21.74 -7.42
N PRO B 3 0.54 21.63 -14.08
CA PRO B 3 1.91 21.09 -14.12
C PRO B 3 2.12 19.93 -13.13
N CYS B 4 1.03 19.26 -12.69
CA CYS B 4 1.08 18.13 -11.76
C CYS B 4 0.59 16.90 -12.52
N GLU B 5 1.51 15.98 -12.83
CA GLU B 5 1.17 14.73 -13.50
C GLU B 5 0.84 13.70 -12.42
N LEU B 6 -0.46 13.55 -12.11
CA LEU B 6 -0.95 12.65 -11.07
C LEU B 6 -0.72 11.21 -11.45
N LEU B 7 -0.11 10.47 -10.52
CA LEU B 7 0.18 9.05 -10.73
C LEU B 7 -0.04 8.27 -9.46
N PRO B 8 -0.35 6.94 -9.53
CA PRO B 8 -0.35 6.13 -8.29
C PRO B 8 1.01 6.31 -7.60
N VAL B 9 1.05 6.70 -6.33
CA VAL B 9 2.35 7.01 -5.70
C VAL B 9 3.13 5.75 -5.27
N GLY B 10 4.45 5.85 -5.29
CA GLY B 10 5.35 4.79 -4.85
C GLY B 10 5.80 5.01 -3.41
N VAL B 11 6.65 4.08 -2.90
CA VAL B 11 7.28 4.04 -1.56
C VAL B 11 8.07 5.34 -1.25
N GLY B 12 8.61 5.99 -2.28
CA GLY B 12 9.42 7.20 -2.13
C GLY B 12 8.63 8.48 -2.07
N HIS B 13 7.29 8.42 -2.25
CA HIS B 13 6.45 9.62 -2.15
C HIS B 13 6.53 10.12 -0.72
N PRO B 14 6.70 11.45 -0.45
CA PRO B 14 6.89 11.90 0.94
C PRO B 14 5.71 11.62 1.89
N VAL B 15 4.49 11.49 1.35
CA VAL B 15 3.29 11.23 2.14
C VAL B 15 2.84 9.77 1.87
N GLN B 16 2.73 8.95 2.92
CA GLN B 16 2.30 7.56 2.85
C GLN B 16 1.06 7.39 3.72
N ALA B 17 -0.05 7.01 3.08
CA ALA B 17 -1.36 6.82 3.65
C ALA B 17 -1.50 5.40 4.23
N MET B 18 -2.23 5.32 5.34
CA MET B 18 -2.42 4.10 6.12
C MET B 18 -3.83 4.06 6.66
N LEU B 19 -4.37 2.88 6.87
CA LEU B 19 -5.67 2.75 7.53
C LEU B 19 -5.47 1.86 8.77
N LYS B 20 -5.62 2.46 9.93
CA LYS B 20 -5.52 1.79 11.22
C LYS B 20 -6.92 1.41 11.68
N SER B 21 -7.09 0.16 12.12
CA SER B 21 -8.38 -0.28 12.63
C SER B 21 -8.26 -1.25 13.83
N PHE B 22 -9.32 -1.35 14.62
CA PHE B 22 -9.47 -2.33 15.67
C PHE B 22 -10.05 -3.54 14.98
N THR B 23 -9.58 -4.72 15.30
CA THR B 23 -9.90 -5.91 14.51
C THR B 23 -10.79 -6.95 15.17
N ALA B 24 -11.34 -6.64 16.36
CA ALA B 24 -12.28 -7.50 17.09
C ALA B 24 -13.45 -7.93 16.19
N LEU B 25 -13.81 -9.22 16.23
CA LEU B 25 -14.92 -9.81 15.48
C LEU B 25 -16.02 -10.24 16.43
N SER B 26 -15.59 -10.71 17.61
CA SER B 26 -16.45 -11.18 18.68
C SER B 26 -15.62 -11.37 19.92
N GLY B 27 -16.32 -11.55 21.02
CA GLY B 27 -15.64 -11.75 22.28
C GLY B 27 -16.62 -11.79 23.42
N CYS B 28 -16.06 -11.98 24.59
CA CYS B 28 -16.76 -12.00 25.84
C CYS B 28 -15.74 -11.75 26.90
N ALA B 29 -16.26 -11.35 28.03
CA ALA B 29 -15.52 -11.15 29.24
C ALA B 29 -16.43 -11.66 30.32
N SER B 30 -15.87 -12.00 31.48
CA SER B 30 -16.67 -12.61 32.53
C SER B 30 -16.07 -12.36 33.90
N ARG B 31 -16.95 -12.32 34.91
CA ARG B 31 -16.59 -12.19 36.30
C ARG B 31 -16.56 -13.61 36.90
N GLY B 32 -17.00 -14.58 36.08
CA GLY B 32 -17.09 -16.01 36.36
C GLY B 32 -15.93 -16.64 37.11
N THR B 33 -14.70 -16.25 36.76
CA THR B 33 -13.45 -16.73 37.38
C THR B 33 -13.14 -15.93 38.66
N GLU B 39 -7.74 -17.31 36.23
CA GLU B 39 -8.14 -16.39 35.18
C GLU B 39 -7.71 -16.91 33.78
N VAL B 40 -8.64 -16.94 32.80
CA VAL B 40 -8.34 -17.48 31.46
C VAL B 40 -8.62 -16.41 30.37
N HIS B 41 -7.64 -16.12 29.46
CA HIS B 41 -7.76 -15.17 28.31
C HIS B 41 -7.39 -15.83 26.96
N ILE B 42 -8.32 -15.84 26.04
CA ILE B 42 -8.09 -16.53 24.78
C ILE B 42 -8.09 -15.56 23.57
N ILE B 43 -7.13 -15.75 22.62
CA ILE B 43 -7.03 -15.05 21.35
C ILE B 43 -7.29 -16.05 20.22
N ASN B 44 -8.30 -15.77 19.41
CA ASN B 44 -8.60 -16.57 18.24
C ASN B 44 -8.39 -15.67 17.00
N LEU B 45 -7.18 -15.72 16.40
CA LEU B 45 -6.81 -14.91 15.27
C LEU B 45 -7.28 -15.51 13.95
N ARG B 46 -7.86 -14.70 13.09
CA ARG B 46 -8.30 -15.18 11.77
C ARG B 46 -7.24 -14.76 10.73
N LYS B 47 -7.20 -15.46 9.57
CA LYS B 47 -6.19 -15.23 8.52
C LYS B 47 -6.24 -13.78 7.94
N GLY B 48 -7.43 -13.16 7.89
CA GLY B 48 -7.65 -11.80 7.41
C GLY B 48 -7.03 -11.46 6.07
N THR B 57 6.71 -16.34 8.60
CA THR B 57 6.24 -16.38 9.98
C THR B 57 5.69 -14.99 10.31
N ALA B 58 4.34 -14.84 10.35
CA ALA B 58 3.66 -13.55 10.62
C ALA B 58 4.05 -13.00 11.98
N GLU B 59 4.14 -11.67 12.08
CA GLU B 59 4.62 -10.99 13.28
C GLU B 59 3.47 -10.25 14.02
N VAL B 60 3.15 -10.72 15.24
CA VAL B 60 2.12 -10.14 16.12
C VAL B 60 2.75 -9.73 17.48
N ALA B 61 2.62 -8.44 17.84
CA ALA B 61 3.10 -7.93 19.11
C ALA B 61 1.97 -7.98 20.14
N LEU B 62 2.19 -8.66 21.27
CA LEU B 62 1.23 -8.77 22.37
C LEU B 62 1.73 -7.92 23.57
N HIS B 63 0.88 -7.03 24.08
CA HIS B 63 1.21 -6.11 25.18
C HIS B 63 0.35 -6.41 26.40
N LEU B 64 0.99 -6.61 27.56
CA LEU B 64 0.23 -6.87 28.79
C LEU B 64 0.56 -5.81 29.87
N ARG B 65 -0.47 -5.48 30.66
CA ARG B 65 -0.51 -4.49 31.74
C ARG B 65 -1.70 -4.84 32.62
N PRO B 66 -1.83 -4.37 33.88
CA PRO B 66 -3.03 -4.73 34.64
C PRO B 66 -4.21 -3.79 34.33
N ILE B 67 -5.41 -4.07 34.86
CA ILE B 67 -6.60 -3.23 34.71
C ILE B 67 -6.36 -1.96 35.58
N GLN B 68 -7.02 -0.83 35.24
CA GLN B 68 -6.85 0.46 35.94
C GLN B 68 -7.40 0.44 37.40
N SER B 69 -8.13 -0.63 37.79
CA SER B 69 -8.68 -0.83 39.14
C SER B 69 -7.56 -1.33 40.09
N LEU B 70 -6.57 -2.06 39.54
CA LEU B 70 -5.46 -2.68 40.28
C LEU B 70 -4.10 -2.06 39.95
N HIS B 71 -3.26 -1.83 40.98
CA HIS B 71 -1.90 -1.29 40.85
C HIS B 71 -0.93 -2.36 40.34
N VAL B 72 -1.06 -3.60 40.89
CA VAL B 72 -0.26 -4.80 40.56
C VAL B 72 -1.21 -5.98 40.35
N HIS B 73 -0.95 -6.83 39.33
CA HIS B 73 -1.77 -8.03 39.10
C HIS B 73 -1.09 -9.26 39.75
N GLN B 74 -1.88 -10.09 40.51
CA GLN B 74 -1.40 -11.22 41.36
C GLN B 74 -1.80 -12.67 40.98
N LYS B 75 -2.88 -12.87 40.19
CA LYS B 75 -3.39 -14.22 39.87
C LYS B 75 -2.66 -14.89 38.70
N PRO B 76 -2.55 -16.25 38.70
CA PRO B 76 -1.97 -16.96 37.54
C PRO B 76 -2.90 -16.89 36.31
N LEU B 77 -2.40 -16.31 35.23
CA LEU B 77 -3.19 -16.08 34.01
C LEU B 77 -3.05 -17.17 32.97
N VAL B 78 -4.13 -17.50 32.28
CA VAL B 78 -4.04 -18.50 31.23
C VAL B 78 -4.20 -17.78 29.88
N PHE B 79 -3.34 -18.07 28.91
CA PHE B 79 -3.45 -17.52 27.56
C PHE B 79 -3.43 -18.63 26.53
N ILE B 80 -4.36 -18.55 25.57
CA ILE B 80 -4.48 -19.53 24.50
C ILE B 80 -4.40 -18.71 23.20
N LEU B 81 -3.24 -18.79 22.54
CA LEU B 81 -2.95 -18.01 21.34
C LEU B 81 -3.14 -18.84 20.06
N ASN B 82 -4.33 -18.75 19.49
CA ASN B 82 -4.66 -19.50 18.29
C ASN B 82 -4.55 -18.66 17.03
N SER B 83 -3.99 -19.27 15.99
CA SER B 83 -3.84 -18.68 14.65
C SER B 83 -3.97 -19.80 13.58
N PRO B 84 -4.41 -19.50 12.34
CA PRO B 84 -4.54 -20.59 11.34
C PRO B 84 -3.20 -21.02 10.75
N GLN B 85 -2.11 -20.35 11.16
CA GLN B 85 -0.71 -20.52 10.78
C GLN B 85 0.19 -20.18 11.98
N PRO B 86 1.44 -20.70 12.12
CA PRO B 86 2.28 -20.28 13.26
C PRO B 86 2.54 -18.76 13.27
N ILE B 87 2.83 -18.23 14.47
CA ILE B 87 3.06 -16.80 14.70
C ILE B 87 4.05 -16.63 15.87
N LEU B 88 4.81 -15.53 15.89
CA LEU B 88 5.72 -15.26 17.01
C LEU B 88 5.10 -14.14 17.86
N TRP B 89 4.61 -14.55 19.03
CA TRP B 89 3.93 -13.72 20.02
C TRP B 89 4.94 -12.97 20.92
N LYS B 90 5.23 -11.70 20.55
CA LYS B 90 6.16 -10.80 21.26
C LYS B 90 5.45 -10.27 22.51
N VAL B 91 5.72 -10.86 23.69
CA VAL B 91 5.03 -10.45 24.91
C VAL B 91 5.80 -9.32 25.63
N ARG B 92 5.47 -8.06 25.27
CA ARG B 92 6.08 -6.86 25.85
C ARG B 92 5.45 -6.59 27.23
N THR B 93 6.30 -6.63 28.28
CA THR B 93 5.93 -6.45 29.69
C THR B 93 5.28 -5.07 29.95
N ARG B 102 1.30 -17.16 34.73
CA ARG B 102 0.97 -16.79 33.35
C ARG B 102 1.28 -17.96 32.36
N ILE B 103 0.43 -19.02 32.37
CA ILE B 103 0.49 -20.21 31.50
C ILE B 103 0.01 -19.82 30.07
N PHE B 104 0.75 -20.25 29.04
CA PHE B 104 0.56 -19.97 27.62
C PHE B 104 0.39 -21.24 26.75
N HIS B 105 -0.80 -21.42 26.14
CA HIS B 105 -1.11 -22.54 25.24
C HIS B 105 -1.09 -21.98 23.83
N VAL B 106 -0.18 -22.47 22.98
CA VAL B 106 -0.04 -21.92 21.63
C VAL B 106 -0.10 -23.04 20.54
N VAL B 107 -0.29 -22.68 19.24
CA VAL B 107 -0.34 -23.65 18.12
C VAL B 107 1.08 -24.14 17.79
N GLU B 108 1.19 -25.12 16.86
CA GLU B 108 2.47 -25.68 16.39
C GLU B 108 3.31 -24.56 15.76
N GLY B 109 4.63 -24.59 16.00
CA GLY B 109 5.56 -23.61 15.46
C GLY B 109 5.44 -22.20 15.99
N SER B 110 4.55 -21.99 16.98
CA SER B 110 4.33 -20.70 17.63
C SER B 110 5.08 -20.64 18.96
N GLU B 111 5.60 -19.45 19.33
CA GLU B 111 6.36 -19.24 20.56
C GLU B 111 5.98 -17.95 21.28
N VAL B 112 6.35 -17.85 22.57
CA VAL B 112 6.15 -16.73 23.52
C VAL B 112 7.56 -16.33 24.07
N HIS B 113 7.97 -15.04 23.91
CA HIS B 113 9.28 -14.51 24.35
C HIS B 113 9.11 -13.46 25.49
N PHE B 114 10.23 -12.77 25.86
CA PHE B 114 10.32 -11.72 26.91
C PHE B 114 9.92 -12.27 28.28
N SER B 122 8.63 -18.55 35.90
CA SER B 122 7.20 -18.35 36.15
C SER B 122 6.35 -18.95 35.01
N CYS B 123 6.56 -18.47 33.78
CA CYS B 123 5.85 -18.84 32.54
C CYS B 123 6.01 -20.33 32.18
N GLU B 124 5.05 -20.80 31.36
CA GLU B 124 4.98 -22.10 30.73
C GLU B 124 4.32 -21.92 29.36
N VAL B 125 4.99 -22.43 28.31
CA VAL B 125 4.57 -22.38 26.90
C VAL B 125 4.31 -23.82 26.43
N LYS B 126 3.03 -24.18 26.28
CA LYS B 126 2.60 -25.51 25.87
C LYS B 126 2.08 -25.48 24.43
N VAL B 127 2.69 -26.27 23.52
CA VAL B 127 2.29 -26.38 22.12
C VAL B 127 1.07 -27.30 22.07
N GLU B 128 0.01 -26.85 21.41
CA GLU B 128 -1.27 -27.56 21.33
C GLU B 128 -1.85 -27.49 19.91
N THR B 129 -2.62 -28.50 19.55
CA THR B 129 -3.30 -28.55 18.27
C THR B 129 -4.67 -28.01 18.61
N LEU B 130 -4.92 -26.78 18.15
CA LEU B 130 -6.11 -26.09 18.58
C LEU B 130 -7.18 -26.05 17.53
N PRO B 131 -8.46 -26.24 17.93
CA PRO B 131 -9.55 -26.13 16.95
C PRO B 131 -9.71 -24.68 16.50
N HIS B 132 -10.22 -24.44 15.29
CA HIS B 132 -10.38 -23.08 14.71
C HIS B 132 -11.62 -22.36 15.20
N GLY B 133 -12.73 -23.09 15.43
CA GLY B 133 -13.99 -22.54 15.89
C GLY B 133 -13.94 -21.97 17.29
N ASN B 134 -14.58 -20.79 17.50
CA ASN B 134 -14.63 -20.12 18.80
C ASN B 134 -15.15 -21.00 19.90
N GLU B 135 -16.35 -21.58 19.68
CA GLU B 135 -16.98 -22.41 20.70
C GLU B 135 -16.16 -23.68 20.98
N HIS B 136 -15.51 -24.28 19.94
CA HIS B 136 -14.62 -25.42 20.10
C HIS B 136 -13.35 -25.04 20.88
N LEU B 137 -12.81 -23.84 20.64
CA LEU B 137 -11.62 -23.33 21.33
C LEU B 137 -11.95 -23.06 22.81
N LEU B 138 -13.20 -22.60 23.06
CA LEU B 138 -13.75 -22.34 24.38
C LEU B 138 -14.03 -23.68 25.06
N ASN B 139 -14.62 -24.66 24.32
CA ASN B 139 -14.89 -26.05 24.73
C ASN B 139 -13.59 -26.67 25.20
N TRP B 140 -12.53 -26.56 24.37
CA TRP B 140 -11.16 -26.99 24.63
C TRP B 140 -10.64 -26.35 25.93
N ALA B 141 -10.93 -25.03 26.10
CA ALA B 141 -10.51 -24.29 27.30
C ALA B 141 -11.26 -24.78 28.57
N HIS B 142 -12.60 -24.91 28.47
CA HIS B 142 -13.54 -25.32 29.53
C HIS B 142 -13.32 -26.76 29.92
N HIS B 143 -12.81 -27.58 28.99
CA HIS B 143 -12.48 -28.98 29.22
C HIS B 143 -11.18 -29.05 30.05
N ARG B 144 -10.38 -27.95 30.06
CA ARG B 144 -9.13 -27.89 30.83
C ARG B 144 -9.19 -26.89 32.03
N TYR B 145 -10.25 -26.05 32.13
CA TYR B 145 -10.37 -25.04 33.22
C TYR B 145 -11.84 -24.79 33.65
N THR B 146 -12.02 -23.99 34.72
CA THR B 146 -13.30 -23.59 35.35
C THR B 146 -14.22 -22.92 34.32
N ALA B 147 -14.06 -21.61 34.14
CA ALA B 147 -14.77 -20.73 33.23
C ALA B 147 -13.74 -19.87 32.53
N VAL B 148 -14.16 -18.95 31.64
CA VAL B 148 -13.23 -18.09 30.89
C VAL B 148 -13.43 -16.60 31.27
N THR B 149 -12.33 -15.88 31.63
CA THR B 149 -12.35 -14.44 31.98
C THR B 149 -12.45 -13.54 30.73
N SER B 150 -11.82 -13.94 29.57
CA SER B 150 -11.90 -13.18 28.30
C SER B 150 -11.58 -14.03 27.07
N PHE B 151 -12.34 -13.79 26.02
CA PHE B 151 -12.16 -14.41 24.72
C PHE B 151 -12.15 -13.28 23.71
N SER B 152 -11.21 -13.29 22.76
CA SER B 152 -11.11 -12.27 21.71
C SER B 152 -10.82 -12.92 20.36
N GLU B 153 -11.82 -12.89 19.48
CA GLU B 153 -11.71 -13.35 18.11
C GLU B 153 -11.30 -12.10 17.31
N LEU B 154 -10.25 -12.20 16.50
CA LEU B 154 -9.70 -11.04 15.80
C LEU B 154 -9.50 -11.31 14.30
N ARG B 155 -9.71 -10.31 13.44
CA ARG B 155 -9.60 -10.47 11.97
C ARG B 155 -8.19 -10.71 11.52
N MET B 156 -7.26 -10.01 12.16
CA MET B 156 -5.83 -9.93 11.92
C MET B 156 -5.33 -9.08 13.04
N ALA B 157 -4.01 -8.86 13.15
CA ALA B 157 -3.48 -8.02 14.22
C ALA B 157 -2.00 -7.79 14.04
N HIS B 158 -1.59 -6.56 14.28
CA HIS B 158 -0.20 -6.15 14.34
C HIS B 158 0.14 -6.05 15.80
N ASP B 159 -0.85 -5.57 16.59
CA ASP B 159 -0.74 -5.38 18.03
C ASP B 159 -2.02 -5.80 18.74
N ILE B 160 -1.86 -6.47 19.87
CA ILE B 160 -2.93 -6.93 20.77
C ILE B 160 -2.58 -6.38 22.16
N TYR B 161 -3.56 -5.75 22.82
CA TYR B 161 -3.41 -5.12 24.12
C TYR B 161 -4.43 -5.73 25.07
N ILE B 162 -3.94 -6.51 26.06
CA ILE B 162 -4.82 -7.13 27.05
C ILE B 162 -4.50 -6.58 28.44
N LYS B 163 -5.53 -6.06 29.12
CA LYS B 163 -5.43 -5.57 30.48
C LYS B 163 -5.67 -6.79 31.35
N VAL B 164 -4.55 -7.39 31.81
CA VAL B 164 -4.53 -8.63 32.63
C VAL B 164 -5.12 -8.32 34.01
N GLY B 165 -6.07 -9.15 34.44
CA GLY B 165 -6.74 -8.96 35.72
C GLY B 165 -8.24 -9.18 35.65
N GLU B 166 -8.87 -9.33 36.82
CA GLU B 166 -10.30 -9.57 36.94
C GLU B 166 -11.05 -8.27 37.22
N ASP B 167 -12.25 -8.13 36.64
CA ASP B 167 -13.06 -6.93 36.84
C ASP B 167 -14.51 -7.28 37.17
N PRO B 168 -14.99 -6.80 38.36
CA PRO B 168 -16.37 -7.12 38.77
C PRO B 168 -17.44 -6.25 38.06
N VAL B 169 -17.20 -5.91 36.78
CA VAL B 169 -18.12 -5.12 35.96
C VAL B 169 -18.94 -6.08 35.04
N PHE B 170 -18.32 -7.17 34.52
CA PHE B 170 -18.94 -8.16 33.64
C PHE B 170 -19.86 -9.12 34.42
N CYS B 174 -18.96 -16.28 30.31
CA CYS B 174 -18.41 -15.81 29.04
C CYS B 174 -19.28 -16.31 27.88
N LYS B 175 -20.28 -15.51 27.48
CA LYS B 175 -21.17 -15.76 26.33
C LYS B 175 -20.70 -14.82 25.21
N ILE B 176 -19.98 -15.39 24.23
CA ILE B 176 -19.37 -14.70 23.09
C ILE B 176 -20.46 -13.95 22.32
N ASP B 177 -20.22 -12.66 22.09
CA ASP B 177 -21.10 -11.74 21.38
C ASP B 177 -20.26 -11.02 20.33
N ASN B 178 -20.77 -10.87 19.10
CA ASN B 178 -20.05 -10.17 18.02
C ASN B 178 -19.92 -8.66 18.30
N LYS B 179 -20.94 -8.07 18.93
CA LYS B 179 -21.03 -6.66 19.29
C LYS B 179 -20.27 -6.34 20.61
N PHE B 180 -19.50 -7.31 21.16
CA PHE B 180 -18.75 -7.11 22.40
C PHE B 180 -17.57 -6.16 22.20
N LEU B 181 -17.46 -5.18 23.07
CA LEU B 181 -16.38 -4.22 23.04
C LEU B 181 -16.03 -3.84 24.47
N SER B 182 -14.75 -3.98 24.82
CA SER B 182 -14.22 -3.61 26.11
C SER B 182 -12.82 -3.08 25.90
N LEU B 183 -12.47 -2.01 26.59
CA LEU B 183 -11.15 -1.37 26.49
C LEU B 183 -10.04 -2.21 27.11
N ASN B 184 -10.39 -3.28 27.80
CA ASN B 184 -9.43 -4.19 28.38
C ASN B 184 -8.86 -5.15 27.33
N TYR B 185 -9.61 -5.45 26.24
CA TYR B 185 -9.20 -6.45 25.23
C TYR B 185 -9.40 -5.86 23.81
N LEU B 186 -8.28 -5.33 23.27
CA LEU B 186 -8.14 -4.59 22.02
C LEU B 186 -7.02 -5.13 21.14
N ALA B 187 -7.17 -4.93 19.83
CA ALA B 187 -6.19 -5.29 18.81
C ALA B 187 -6.28 -4.35 17.64
N SER B 188 -5.12 -4.02 17.08
CA SER B 188 -5.08 -3.11 15.95
C SER B 188 -4.23 -3.67 14.85
N TYR B 189 -4.48 -3.16 13.65
CA TYR B 189 -3.80 -3.49 12.41
C TYR B 189 -3.71 -2.24 11.57
N ILE B 190 -2.53 -1.95 11.01
CA ILE B 190 -2.32 -0.80 10.11
C ILE B 190 -2.09 -1.32 8.69
N GLU B 191 -3.00 -0.98 7.78
CA GLU B 191 -2.94 -1.44 6.40
C GLU B 191 -2.53 -0.27 5.49
N PRO B 192 -1.37 -0.35 4.76
CA PRO B 192 -1.02 0.76 3.84
C PRO B 192 -2.14 0.96 2.81
N GLN B 193 -2.37 2.21 2.44
CA GLN B 193 -3.43 2.60 1.52
C GLN B 193 -2.86 3.27 0.29
N PRO B 194 -3.37 3.01 -0.94
CA PRO B 194 -2.77 3.69 -2.09
C PRO B 194 -3.27 5.12 -2.22
N SER B 195 -2.44 5.95 -2.87
CA SER B 195 -2.73 7.34 -3.14
C SER B 195 -2.30 7.68 -4.58
N THR B 196 -2.77 8.83 -5.08
CA THR B 196 -2.32 9.43 -6.32
C THR B 196 -1.64 10.70 -5.85
N GLY B 197 -0.73 11.21 -6.61
CA GLY B 197 -0.02 12.42 -6.21
C GLY B 197 1.10 12.76 -7.14
N CYS B 198 1.78 13.86 -6.82
CA CYS B 198 2.90 14.42 -7.55
C CYS B 198 3.83 15.12 -6.56
N VAL B 199 5.11 15.20 -6.91
CA VAL B 199 6.14 15.88 -6.15
C VAL B 199 6.56 17.00 -7.09
N LEU B 200 6.22 18.25 -6.73
CA LEU B 200 6.42 19.42 -7.60
C LEU B 200 7.73 20.20 -7.34
N SER B 201 8.42 19.96 -6.19
CA SER B 201 9.69 20.66 -5.87
C SER B 201 10.61 19.80 -4.96
N GLY B 202 11.92 20.12 -4.99
CA GLY B 202 12.94 19.47 -4.18
C GLY B 202 13.23 20.24 -2.89
N PRO B 203 14.52 20.55 -2.59
CA PRO B 203 14.82 21.34 -1.37
C PRO B 203 14.70 22.87 -1.56
N ASP B 204 13.87 23.51 -0.70
CA ASP B 204 13.61 24.97 -0.71
C ASP B 204 13.41 25.51 0.71
N GLN B 207 12.00 25.25 3.76
CA GLN B 207 10.55 25.07 3.90
C GLN B 207 9.98 24.02 2.93
N GLU B 208 8.93 23.32 3.37
CA GLU B 208 8.18 22.32 2.59
C GLU B 208 6.68 22.59 2.73
N VAL B 209 5.90 22.54 1.63
CA VAL B 209 4.44 22.73 1.69
C VAL B 209 3.81 21.46 1.06
N HIS B 210 3.02 20.73 1.87
CA HIS B 210 2.40 19.47 1.47
C HIS B 210 0.89 19.55 1.51
N ILE B 211 0.25 19.16 0.41
CA ILE B 211 -1.20 19.15 0.28
C ILE B 211 -1.68 17.72 0.35
N ILE B 212 -2.55 17.44 1.33
CA ILE B 212 -3.13 16.13 1.53
C ILE B 212 -4.63 16.27 1.37
N GLU B 213 -5.18 15.59 0.36
CA GLU B 213 -6.62 15.60 0.09
C GLU B 213 -7.14 14.18 0.33
N LEU B 214 -7.94 14.01 1.38
CA LEU B 214 -8.47 12.72 1.77
C LEU B 214 -9.91 12.65 1.39
N GLN B 215 -10.30 11.56 0.72
CA GLN B 215 -11.68 11.42 0.33
C GLN B 215 -12.52 10.96 1.50
N ALA B 216 -12.05 9.96 2.28
CA ALA B 216 -12.81 9.42 3.41
C ALA B 216 -11.89 8.88 4.50
N PRO B 217 -12.17 9.19 5.80
CA PRO B 217 -11.28 8.70 6.88
C PRO B 217 -11.46 7.21 7.23
N ASN B 218 -12.45 6.54 6.67
CA ASN B 218 -12.69 5.10 6.90
C ASN B 218 -13.68 4.59 5.85
N SER B 219 -13.78 3.25 5.68
CA SER B 219 -14.65 2.60 4.69
C SER B 219 -16.14 2.63 5.07
N SER B 220 -16.48 3.06 6.31
CA SER B 220 -17.87 3.15 6.78
C SER B 220 -18.31 4.63 6.83
N SER B 221 -19.05 5.04 7.88
CA SER B 221 -19.50 6.43 7.99
C SER B 221 -19.37 6.95 9.42
N ALA B 222 -18.19 6.77 10.04
CA ALA B 222 -17.93 7.24 11.40
C ALA B 222 -17.54 8.73 11.32
N PHE B 223 -18.40 9.59 11.88
CA PHE B 223 -18.32 11.05 11.86
C PHE B 223 -17.28 11.64 12.84
N GLN B 224 -16.61 12.74 12.43
CA GLN B 224 -15.64 13.56 13.17
C GLN B 224 -14.51 12.70 13.84
N VAL B 225 -14.05 11.69 13.08
CA VAL B 225 -12.99 10.80 13.55
C VAL B 225 -11.62 11.46 13.36
N ASP B 226 -10.65 11.00 14.13
CA ASP B 226 -9.29 11.50 14.08
C ASP B 226 -8.53 10.97 12.85
N VAL B 227 -7.77 11.86 12.19
CA VAL B 227 -6.88 11.55 11.08
C VAL B 227 -5.53 12.03 11.51
N ILE B 228 -4.61 11.08 11.72
CA ILE B 228 -3.29 11.40 12.23
C ILE B 228 -2.35 11.77 11.10
N VAL B 229 -1.61 12.89 11.29
CA VAL B 229 -0.56 13.30 10.37
C VAL B 229 0.74 13.20 11.19
N ASP B 230 1.51 12.14 10.93
CA ASP B 230 2.77 11.86 11.59
C ASP B 230 3.91 12.44 10.75
N LEU B 231 4.61 13.41 11.33
CA LEU B 231 5.69 14.21 10.75
C LEU B 231 7.03 13.78 11.33
N ARG B 232 7.97 13.31 10.48
CA ARG B 232 9.32 12.84 10.89
C ARG B 232 10.37 13.03 9.78
N PRO B 233 11.70 13.02 10.08
CA PRO B 233 12.69 12.98 8.99
C PRO B 233 12.63 11.64 8.28
N LEU B 234 12.89 11.62 6.95
CA LEU B 234 12.92 10.37 6.19
C LEU B 234 13.98 9.41 6.79
N ASP B 235 15.11 9.97 7.25
CA ASP B 235 16.22 9.25 7.87
C ASP B 235 15.79 8.54 9.17
N GLY B 236 15.34 9.30 10.16
CA GLY B 236 14.88 8.74 11.43
C GLY B 236 15.88 8.78 12.55
N ASP B 237 17.17 8.77 12.20
CA ASP B 237 18.26 8.85 13.17
C ASP B 237 18.80 10.29 13.30
N ILE B 238 18.49 11.17 12.32
CA ILE B 238 19.00 12.55 12.38
C ILE B 238 17.84 13.59 12.38
N PRO B 239 17.69 14.36 13.49
CA PRO B 239 16.66 15.42 13.56
C PRO B 239 16.83 16.50 12.50
N LEU B 240 15.74 17.13 12.08
CA LEU B 240 15.75 18.09 10.99
C LEU B 240 15.26 19.47 11.34
N HIS B 241 15.88 20.49 10.73
CA HIS B 241 15.36 21.84 10.85
C HIS B 241 14.69 22.18 9.55
N ARG B 242 13.36 22.13 9.56
CA ARG B 242 12.53 22.39 8.42
C ARG B 242 11.26 23.12 8.81
N ASP B 243 10.89 24.16 8.02
CA ASP B 243 9.63 24.86 8.16
C ASP B 243 8.64 24.04 7.34
N VAL B 244 7.44 23.78 7.89
CA VAL B 244 6.42 22.92 7.25
C VAL B 244 5.08 23.64 7.14
N VAL B 245 4.46 23.58 5.97
CA VAL B 245 3.11 24.09 5.69
C VAL B 245 2.27 22.87 5.24
N LEU B 246 1.14 22.63 5.93
CA LEU B 246 0.23 21.52 5.64
C LEU B 246 -1.10 22.05 5.18
N LEU B 247 -1.56 21.62 3.99
CA LEU B 247 -2.87 21.94 3.44
C LEU B 247 -3.67 20.68 3.56
N LEU B 248 -4.61 20.66 4.50
CA LEU B 248 -5.34 19.43 4.80
C LEU B 248 -6.78 19.58 4.43
N LYS B 249 -7.24 18.70 3.53
CA LYS B 249 -8.60 18.72 2.99
C LYS B 249 -9.24 17.35 3.06
N CYS B 250 -10.49 17.28 3.53
CA CYS B 250 -11.26 16.03 3.55
C CYS B 250 -12.68 16.31 3.12
N GLU B 251 -13.28 15.36 2.38
CA GLU B 251 -14.66 15.47 1.93
C GLU B 251 -15.62 15.45 3.12
N LYS B 252 -15.25 14.65 4.13
CA LYS B 252 -15.98 14.43 5.36
C LYS B 252 -15.33 15.24 6.49
N SER B 253 -16.05 15.42 7.57
CA SER B 253 -15.56 16.16 8.72
C SER B 253 -14.61 15.28 9.53
N VAL B 254 -13.39 15.76 9.74
CA VAL B 254 -12.40 15.01 10.51
C VAL B 254 -11.73 15.95 11.52
N ASN B 255 -11.00 15.35 12.45
CA ASN B 255 -10.15 16.07 13.37
C ASN B 255 -8.71 15.70 12.97
N TRP B 256 -7.92 16.66 12.47
CA TRP B 256 -6.53 16.33 12.09
C TRP B 256 -5.63 16.34 13.34
N VAL B 257 -4.93 15.23 13.61
CA VAL B 257 -4.07 15.13 14.79
C VAL B 257 -2.64 15.24 14.30
N ILE B 258 -1.92 16.30 14.68
CA ILE B 258 -0.54 16.50 14.19
C ILE B 258 0.46 15.96 15.23
N LYS B 259 1.28 14.99 14.80
CA LYS B 259 2.28 14.33 15.63
C LYS B 259 3.65 14.48 14.99
N ALA B 260 4.40 15.51 15.42
CA ALA B 260 5.75 15.74 14.90
C ALA B 260 6.73 15.03 15.77
N HIS B 261 7.82 14.52 15.17
CA HIS B 261 8.95 13.84 15.83
C HIS B 261 10.23 14.21 15.12
N LYS B 262 11.26 14.56 15.88
CA LYS B 262 12.62 14.90 15.42
C LYS B 262 12.62 15.97 14.31
N VAL B 263 11.70 16.92 14.39
CA VAL B 263 11.65 18.01 13.42
C VAL B 263 11.34 19.31 14.19
N MET B 264 12.15 20.32 13.95
CA MET B 264 12.01 21.64 14.55
C MET B 264 11.87 22.68 13.44
N GLY B 265 10.95 23.60 13.63
CA GLY B 265 10.72 24.67 12.67
C GLY B 265 9.33 25.25 12.79
N LYS B 266 8.97 26.15 11.87
CA LYS B 266 7.64 26.73 11.83
C LYS B 266 6.68 25.71 11.28
N LEU B 267 5.47 25.65 11.84
CA LEU B 267 4.42 24.77 11.36
C LEU B 267 3.19 25.60 11.10
N GLU B 268 2.72 25.61 9.86
CA GLU B 268 1.49 26.31 9.48
C GLU B 268 0.50 25.28 8.94
N ILE B 269 -0.72 25.25 9.49
CA ILE B 269 -1.75 24.31 9.07
C ILE B 269 -2.93 25.08 8.45
N MET B 270 -3.29 24.73 7.19
CA MET B 270 -4.39 25.34 6.44
C MET B 270 -5.45 24.28 6.23
N THR B 271 -6.63 24.47 6.85
CA THR B 271 -7.76 23.53 6.82
C THR B 271 -9.03 24.20 7.35
N SER B 272 -10.21 23.64 7.01
CA SER B 272 -11.52 24.08 7.50
C SER B 272 -11.95 23.19 8.67
N ASP B 273 -11.22 22.09 8.90
CA ASP B 273 -11.47 21.13 9.96
C ASP B 273 -10.78 21.53 11.26
N THR B 274 -11.11 20.84 12.38
CA THR B 274 -10.45 21.05 13.68
C THR B 274 -9.07 20.37 13.62
N VAL B 275 -8.13 20.91 14.39
CA VAL B 275 -6.75 20.41 14.44
C VAL B 275 -6.37 20.18 15.90
N SER B 276 -5.88 19.00 16.23
CA SER B 276 -5.35 18.72 17.55
C SER B 276 -3.86 18.59 17.39
N LEU B 277 -3.11 19.23 18.26
CA LEU B 277 -1.65 19.17 18.23
C LEU B 277 -1.18 18.30 19.37
N SER B 278 -0.22 17.40 19.10
CA SER B 278 0.40 16.58 20.14
C SER B 278 1.24 17.50 21.03
N GLU B 279 1.50 17.12 22.29
CA GLU B 279 2.30 17.94 23.21
C GLU B 279 3.73 18.12 22.65
N ASP B 280 4.27 17.07 22.03
CA ASP B 280 5.59 17.02 21.38
C ASP B 280 5.67 18.00 20.21
N THR B 281 4.59 18.14 19.43
CA THR B 281 4.46 19.04 18.27
C THR B 281 4.57 20.50 18.72
N GLU B 282 3.82 20.89 19.78
CA GLU B 282 3.79 22.25 20.33
C GLU B 282 5.16 22.64 20.90
N ARG B 283 5.92 21.64 21.39
CA ARG B 283 7.24 21.76 21.98
C ARG B 283 8.34 21.84 20.90
N LEU B 284 8.30 20.91 19.91
CA LEU B 284 9.32 20.84 18.85
C LEU B 284 9.23 21.97 17.84
N MET B 285 8.02 22.33 17.48
CA MET B 285 7.75 23.29 16.42
C MET B 285 7.05 24.54 16.91
N GLN B 286 7.19 25.63 16.14
CA GLN B 286 6.56 26.93 16.40
C GLN B 286 5.30 26.98 15.53
N VAL B 287 4.18 26.49 16.09
CA VAL B 287 2.90 26.39 15.40
C VAL B 287 2.18 27.73 15.45
N SER B 288 1.91 28.29 14.26
CA SER B 288 1.17 29.53 14.13
C SER B 288 -0.31 29.25 14.45
N LYS B 289 -0.99 30.20 15.11
CA LYS B 289 -2.37 30.07 15.55
C LYS B 289 -3.25 29.69 14.35
N THR B 290 -3.79 28.46 14.39
CA THR B 290 -4.61 27.91 13.31
C THR B 290 -5.94 28.67 13.22
N VAL B 291 -6.20 29.27 12.05
CA VAL B 291 -7.42 29.97 11.70
C VAL B 291 -8.06 29.14 10.56
N LYS B 292 -9.37 28.85 10.66
CA LYS B 292 -10.09 28.01 9.70
C LYS B 292 -10.08 28.60 8.28
N GLN B 293 -9.53 27.81 7.33
CA GLN B 293 -9.37 28.17 5.92
C GLN B 293 -10.29 27.34 5.05
N LYS B 294 -11.13 28.00 4.25
CA LYS B 294 -12.02 27.28 3.33
C LYS B 294 -11.22 26.97 2.06
N LEU B 295 -10.78 25.71 1.93
CA LEU B 295 -9.97 25.25 0.80
C LEU B 295 -10.84 24.65 -0.31
N PRO B 296 -10.50 24.86 -1.60
CA PRO B 296 -11.27 24.23 -2.67
C PRO B 296 -10.94 22.73 -2.82
N ALA B 297 -11.65 22.02 -3.73
CA ALA B 297 -11.43 20.60 -3.99
C ALA B 297 -10.59 20.39 -5.27
N GLY B 298 -9.90 19.26 -5.35
CA GLY B 298 -9.07 18.88 -6.50
C GLY B 298 -7.67 19.47 -6.50
N SER B 299 -6.71 18.72 -7.10
CA SER B 299 -5.28 19.05 -7.20
C SER B 299 -5.02 20.40 -7.82
N GLN B 300 -5.74 20.72 -8.91
CA GLN B 300 -5.64 21.95 -9.70
C GLN B 300 -5.94 23.18 -8.84
N ALA B 301 -7.10 23.18 -8.16
CA ALA B 301 -7.57 24.28 -7.34
C ALA B 301 -6.79 24.42 -6.02
N LEU B 302 -6.28 23.30 -5.47
CA LEU B 302 -5.53 23.30 -4.22
C LEU B 302 -4.11 23.83 -4.39
N ILE B 303 -3.41 23.43 -5.47
CA ILE B 303 -2.04 23.89 -5.80
C ILE B 303 -2.10 25.40 -6.12
N GLN B 304 -3.18 25.84 -6.81
CA GLN B 304 -3.42 27.24 -7.17
C GLN B 304 -3.66 28.08 -5.90
N TRP B 305 -4.52 27.58 -4.96
CA TRP B 305 -4.82 28.25 -3.68
C TRP B 305 -3.53 28.46 -2.88
N ALA B 306 -2.69 27.40 -2.76
CA ALA B 306 -1.42 27.40 -2.05
C ALA B 306 -0.47 28.47 -2.59
N GLU B 307 -0.36 28.54 -3.93
CA GLU B 307 0.51 29.46 -4.66
C GLU B 307 0.04 30.92 -4.57
N GLU B 308 -1.28 31.13 -4.35
CA GLU B 308 -1.89 32.46 -4.25
C GLU B 308 -1.86 33.00 -2.82
N ASN B 309 -1.73 32.11 -1.80
CA ASN B 309 -1.70 32.51 -0.38
C ASN B 309 -0.28 32.50 0.21
N GLY B 310 0.72 32.72 -0.65
CA GLY B 310 2.13 32.83 -0.28
C GLY B 310 2.83 31.56 0.18
N PHE B 311 2.44 30.39 -0.36
CA PHE B 311 3.09 29.13 0.00
C PHE B 311 3.78 28.56 -1.23
N ASN B 312 4.94 29.15 -1.58
CA ASN B 312 5.73 28.80 -2.76
C ASN B 312 7.16 28.34 -2.45
N PRO B 313 7.60 27.21 -3.06
CA PRO B 313 6.84 26.34 -3.96
C PRO B 313 6.10 25.21 -3.24
N VAL B 314 5.17 24.55 -3.94
CA VAL B 314 4.46 23.39 -3.39
C VAL B 314 5.44 22.21 -3.51
N THR B 315 5.61 21.43 -2.42
CA THR B 315 6.52 20.27 -2.41
C THR B 315 5.79 19.07 -3.02
N SER B 316 4.61 18.72 -2.47
CA SER B 316 3.84 17.59 -2.98
C SER B 316 2.34 17.77 -2.79
N TYR B 317 1.58 17.02 -3.60
CA TYR B 317 0.16 16.90 -3.50
C TYR B 317 -0.15 15.40 -3.39
N THR B 318 -1.03 15.02 -2.48
CA THR B 318 -1.43 13.62 -2.30
C THR B 318 -2.95 13.55 -2.24
N ASN B 319 -3.54 12.63 -2.98
CA ASN B 319 -4.97 12.37 -2.97
C ASN B 319 -5.15 10.95 -2.51
N THR B 320 -5.91 10.75 -1.44
CA THR B 320 -6.07 9.42 -0.89
C THR B 320 -7.57 9.06 -0.76
N PRO B 321 -8.01 7.95 -1.36
CA PRO B 321 -9.41 7.57 -1.23
C PRO B 321 -9.83 7.24 0.21
N VAL B 322 -9.02 6.47 0.96
CA VAL B 322 -9.36 6.07 2.32
C VAL B 322 -8.09 5.94 3.18
N ALA B 323 -8.09 6.60 4.35
CA ALA B 323 -6.96 6.59 5.30
C ALA B 323 -7.32 7.36 6.54
N ASN B 324 -6.72 7.03 7.69
CA ASN B 324 -6.94 7.76 8.94
C ASN B 324 -5.60 8.06 9.55
N HIS B 325 -4.53 7.83 8.77
CA HIS B 325 -3.15 8.01 9.21
C HIS B 325 -2.25 8.30 8.01
N PHE B 326 -1.46 9.34 8.11
CA PHE B 326 -0.50 9.74 7.09
C PHE B 326 0.87 9.85 7.69
N ASN B 327 1.86 9.23 7.04
CA ASN B 327 3.27 9.34 7.43
C ASN B 327 3.92 10.26 6.42
N LEU B 328 4.27 11.45 6.90
CA LEU B 328 4.97 12.47 6.13
C LEU B 328 6.42 12.41 6.52
N ARG B 329 7.28 12.14 5.51
CA ARG B 329 8.73 12.06 5.73
C ARG B 329 9.42 13.17 4.94
N LEU B 330 10.20 14.00 5.67
CA LEU B 330 10.89 15.17 5.09
C LEU B 330 12.32 14.86 4.66
#